data_8TWH
#
_entry.id   8TWH
#
_cell.length_a   36.162
_cell.length_b   62.667
_cell.length_c   256.675
_cell.angle_alpha   90.000
_cell.angle_beta   90.000
_cell.angle_gamma   90.000
#
_symmetry.space_group_name_H-M   'P 21 21 21'
#
loop_
_entity.id
_entity.type
_entity.pdbx_description
1 polymer '(GGGTT)3GGG DNA'
2 non-polymer 'POTASSIUM ION'
3 non-polymer 3,11-DIFLUORO-6,8,13-TRIMETHYL-8H-QUINO[4,3,2-KL]ACRIDIN-13-IUM
4 water water
#
_entity_poly.entity_id   1
_entity_poly.type   'polydeoxyribonucleotide'
_entity_poly.pdbx_seq_one_letter_code
;(DG)(DG)(DG)(DT)(DT)(DG)(DG)(DG)(DT)(DT)(DG)(DG)(DG)(DT)(DT)(DG)(DG)(DG)
;
_entity_poly.pdbx_strand_id   A,B,C,D,E,F,G,H,I,J
#